data_6GV5
#
_entry.id   6GV5
#
_cell.length_a   25.801
_cell.length_b   45.591
_cell.length_c   99.661
_cell.angle_alpha   90.000
_cell.angle_beta   90.000
_cell.angle_gamma   90.000
#
_symmetry.space_group_name_H-M   'P 21 21 21'
#
loop_
_entity.id
_entity.type
_entity.pdbx_description
1 polymer 'Hyperosmolarity resistance protein Emb'
2 water water
#
_entity_poly.entity_id   1
_entity_poly.type   'polypeptide(L)'
_entity_poly.pdbx_seq_one_letter_code
;ADQKLQDAKTDAKQQITNFTGLTEPQKQALENIINQQTSRANVAKQLSHAKFLNGKMEELKVAVAKASLVRQNSNYINED
VSEKEAYEQAIAKGQEIINSENNPTISSTDINRTIQEINDAEQNLH
;
_entity_poly.pdbx_strand_id   A
#
# COMPACT_ATOMS: atom_id res chain seq x y z
N ALA A 1 26.78 13.44 -14.41
CA ALA A 1 27.13 14.77 -13.83
C ALA A 1 26.11 15.19 -12.78
N ASP A 2 26.38 16.31 -12.10
CA ASP A 2 25.46 16.79 -11.07
C ASP A 2 24.13 17.22 -11.68
N GLN A 3 24.16 17.78 -12.89
CA GLN A 3 22.91 18.16 -13.55
C GLN A 3 22.10 16.91 -13.93
N LYS A 4 22.78 15.83 -14.30
CA LYS A 4 22.08 14.60 -14.63
C LYS A 4 21.38 14.02 -13.40
N LEU A 5 22.04 14.04 -12.24
CA LEU A 5 21.44 13.51 -11.03
C LEU A 5 20.25 14.36 -10.59
N GLN A 6 20.40 15.69 -10.64
CA GLN A 6 19.30 16.57 -10.29
C GLN A 6 18.09 16.33 -11.19
N ASP A 7 18.31 16.11 -12.48
CA ASP A 7 17.20 15.87 -13.40
C ASP A 7 16.54 14.51 -13.14
N ALA A 8 17.34 13.50 -12.78
CA ALA A 8 16.77 12.19 -12.50
C ALA A 8 15.90 12.23 -11.25
N LYS A 9 16.33 12.97 -10.23
CA LYS A 9 15.52 13.11 -9.02
C LYS A 9 14.21 13.80 -9.32
N THR A 10 14.25 14.90 -10.08
CA THR A 10 13.04 15.62 -10.44
C THR A 10 12.06 14.71 -11.17
N ASP A 11 12.56 13.96 -12.16
CA ASP A 11 11.70 13.05 -12.91
C ASP A 11 11.07 12.01 -12.00
N ALA A 12 11.86 11.43 -11.11
CA ALA A 12 11.34 10.38 -10.23
C ALA A 12 10.27 10.94 -9.30
N LYS A 13 10.49 12.13 -8.74
CA LYS A 13 9.49 12.70 -7.85
C LYS A 13 8.20 13.05 -8.60
N GLN A 14 8.34 13.50 -9.84
CA GLN A 14 7.15 13.77 -10.65
C GLN A 14 6.36 12.49 -10.90
N GLN A 15 7.04 11.38 -11.22
CA GLN A 15 6.35 10.12 -11.41
C GLN A 15 5.62 9.70 -10.13
N ILE A 16 6.30 9.85 -8.99
CA ILE A 16 5.70 9.44 -7.71
C ILE A 16 4.47 10.27 -7.41
N THR A 17 4.51 11.56 -7.75
CA THR A 17 3.37 12.42 -7.52
C THR A 17 2.15 11.95 -8.28
N ASN A 18 2.34 11.31 -9.45
CA ASN A 18 1.22 10.84 -10.24
C ASN A 18 0.58 9.60 -9.65
N PHE A 19 1.33 8.81 -8.88
CA PHE A 19 0.81 7.57 -8.34
C PHE A 19 -0.48 7.80 -7.55
N THR A 20 -1.41 6.85 -7.65
CA THR A 20 -2.66 6.91 -6.91
C THR A 20 -2.75 5.87 -5.81
N GLY A 21 -1.91 4.82 -5.85
CA GLY A 21 -1.95 3.82 -4.80
C GLY A 21 -1.32 4.34 -3.52
N LEU A 22 -0.12 4.91 -3.63
CA LEU A 22 0.55 5.48 -2.47
C LEU A 22 -0.30 6.57 -1.82
N THR A 23 -0.23 6.65 -0.50
CA THR A 23 -0.83 7.77 0.22
C THR A 23 0.11 8.95 0.17
N GLU A 24 -0.43 10.14 0.48
CA GLU A 24 0.40 11.34 0.47
C GLU A 24 1.56 11.25 1.46
N PRO A 25 1.37 10.75 2.68
CA PRO A 25 2.54 10.53 3.55
C PRO A 25 3.58 9.62 2.93
N GLN A 26 3.16 8.55 2.25
CA GLN A 26 4.11 7.65 1.62
C GLN A 26 4.86 8.34 0.49
N LYS A 27 4.17 9.14 -0.31
CA LYS A 27 4.83 9.88 -1.38
C LYS A 27 5.90 10.80 -0.82
N GLN A 28 5.57 11.53 0.26
CA GLN A 28 6.54 12.46 0.82
C GLN A 28 7.78 11.72 1.34
N ALA A 29 7.58 10.60 2.03
CA ALA A 29 8.71 9.83 2.51
C ALA A 29 9.60 9.37 1.36
N LEU A 30 8.97 8.98 0.25
CA LEU A 30 9.74 8.49 -0.90
C LEU A 30 10.41 9.63 -1.66
N GLU A 31 9.74 10.78 -1.80
CA GLU A 31 10.39 11.94 -2.40
C GLU A 31 11.63 12.34 -1.61
N ASN A 32 11.54 12.27 -0.27
CA ASN A 32 12.71 12.58 0.56
C ASN A 32 13.82 11.57 0.33
N ILE A 33 13.47 10.29 0.21
CA ILE A 33 14.47 9.26 -0.09
C ILE A 33 15.13 9.55 -1.43
N ILE A 34 14.33 9.91 -2.44
CA ILE A 34 14.88 10.25 -3.75
C ILE A 34 15.90 11.38 -3.61
N ASN A 35 15.53 12.44 -2.89
CA ASN A 35 16.39 13.62 -2.80
C ASN A 35 17.73 13.30 -2.16
N GLN A 36 17.79 12.26 -1.32
CA GLN A 36 19.01 11.93 -0.60
C GLN A 36 19.94 11.00 -1.36
N GLN A 37 19.56 10.56 -2.56
CA GLN A 37 20.38 9.63 -3.32
C GLN A 37 21.54 10.37 -3.98
N THR A 38 22.68 9.67 -4.09
CA THR A 38 23.90 10.27 -4.58
C THR A 38 24.26 9.82 -5.99
N SER A 39 23.51 8.91 -6.58
CA SER A 39 23.78 8.45 -7.92
C SER A 39 22.47 8.20 -8.65
N ARG A 40 22.52 8.27 -9.98
CA ARG A 40 21.32 7.99 -10.78
C ARG A 40 20.91 6.53 -10.66
N ALA A 41 21.88 5.63 -10.55
CA ALA A 41 21.53 4.22 -10.36
C ALA A 41 20.70 4.04 -9.09
N ASN A 42 21.08 4.72 -8.00
CA ASN A 42 20.35 4.59 -6.75
C ASN A 42 18.98 5.26 -6.85
N VAL A 43 18.87 6.36 -7.57
CA VAL A 43 17.57 6.99 -7.79
C VAL A 43 16.65 6.02 -8.52
N ALA A 44 17.17 5.32 -9.53
CA ALA A 44 16.35 4.38 -10.28
C ALA A 44 15.92 3.21 -9.41
N LYS A 45 16.79 2.73 -8.53
CA LYS A 45 16.43 1.66 -7.60
C LYS A 45 15.28 2.10 -6.70
N GLN A 46 15.38 3.31 -6.16
CA GLN A 46 14.34 3.79 -5.26
C GLN A 46 13.04 4.06 -6.01
N LEU A 47 13.12 4.53 -7.25
CA LEU A 47 11.91 4.72 -8.05
C LEU A 47 11.27 3.38 -8.37
N SER A 48 12.08 2.37 -8.68
CA SER A 48 11.54 1.02 -8.90
C SER A 48 10.83 0.52 -7.65
N HIS A 49 11.43 0.75 -6.48
CA HIS A 49 10.78 0.39 -5.22
C HIS A 49 9.47 1.13 -5.03
N ALA A 50 9.46 2.43 -5.34
CA ALA A 50 8.23 3.20 -5.20
C ALA A 50 7.14 2.68 -6.13
N LYS A 51 7.51 2.29 -7.35
CA LYS A 51 6.52 1.77 -8.29
C LYS A 51 5.94 0.46 -7.79
N PHE A 52 6.78 -0.39 -7.19
CA PHE A 52 6.28 -1.65 -6.67
C PHE A 52 5.38 -1.43 -5.47
N LEU A 53 5.83 -0.57 -4.55
CA LEU A 53 5.01 -0.22 -3.40
C LEU A 53 3.68 0.38 -3.84
N ASN A 54 3.70 1.19 -4.89
CA ASN A 54 2.46 1.78 -5.39
C ASN A 54 1.49 0.70 -5.83
N GLY A 55 1.98 -0.32 -6.54
CA GLY A 55 1.09 -1.39 -6.96
C GLY A 55 0.50 -2.15 -5.79
N LYS A 56 1.31 -2.36 -4.74
CA LYS A 56 0.81 -3.09 -3.58
C LYS A 56 -0.22 -2.25 -2.83
N MET A 57 0.01 -0.93 -2.77
CA MET A 57 -0.95 -0.06 -2.12
C MET A 57 -2.26 0.00 -2.90
N GLU A 58 -2.18 -0.02 -4.25
CA GLU A 58 -3.39 -0.16 -5.05
C GLU A 58 -4.14 -1.43 -4.68
N GLU A 59 -3.42 -2.56 -4.58
CA GLU A 59 -4.04 -3.82 -4.20
C GLU A 59 -4.67 -3.72 -2.82
N LEU A 60 -3.95 -3.12 -1.87
CA LEU A 60 -4.49 -2.98 -0.53
C LEU A 60 -5.74 -2.11 -0.51
N LYS A 61 -5.71 -0.99 -1.23
CA LYS A 61 -6.86 -0.09 -1.25
C LYS A 61 -8.09 -0.78 -1.83
N VAL A 62 -7.91 -1.63 -2.85
CA VAL A 62 -9.03 -2.38 -3.40
C VAL A 62 -9.54 -3.37 -2.38
N ALA A 63 -8.63 -4.08 -1.70
CA ALA A 63 -9.05 -5.10 -0.75
C ALA A 63 -9.84 -4.48 0.39
N VAL A 64 -9.46 -3.29 0.82
CA VAL A 64 -10.17 -2.61 1.90
C VAL A 64 -11.47 -2.00 1.38
N ALA A 65 -11.42 -1.37 0.20
CA ALA A 65 -12.59 -0.65 -0.28
C ALA A 65 -13.74 -1.57 -0.64
N LYS A 66 -13.46 -2.84 -0.95
CA LYS A 66 -14.51 -3.77 -1.34
C LYS A 66 -15.22 -4.40 -0.14
N ALA A 67 -14.94 -3.99 1.10
CA ALA A 67 -15.41 -4.75 2.25
C ALA A 67 -16.93 -4.77 2.33
N SER A 68 -17.61 -3.65 2.04
CA SER A 68 -19.06 -3.65 2.11
C SER A 68 -19.68 -4.56 1.05
N LEU A 69 -19.10 -4.60 -0.16
CA LEU A 69 -19.54 -5.56 -1.17
C LEU A 69 -19.38 -6.99 -0.68
N VAL A 70 -18.25 -7.29 -0.02
CA VAL A 70 -17.99 -8.62 0.49
C VAL A 70 -19.02 -8.97 1.58
N ARG A 71 -19.26 -8.03 2.49
CA ARG A 71 -20.22 -8.31 3.56
C ARG A 71 -21.60 -8.62 3.00
N GLN A 72 -21.97 -7.97 1.89
CA GLN A 72 -23.31 -8.13 1.34
C GLN A 72 -23.44 -9.38 0.49
N ASN A 73 -22.39 -9.71 -0.27
CA ASN A 73 -22.53 -10.71 -1.31
C ASN A 73 -21.89 -12.06 -1.01
N SER A 74 -21.05 -12.14 0.02
CA SER A 74 -20.49 -13.42 0.43
C SER A 74 -21.44 -14.10 1.41
N ASN A 75 -20.95 -15.12 2.12
CA ASN A 75 -21.69 -15.75 3.19
C ASN A 75 -21.48 -15.06 4.54
N TYR A 76 -20.88 -13.88 4.53
CA TYR A 76 -20.55 -13.15 5.76
C TYR A 76 -21.72 -13.09 6.74
N ILE A 77 -22.90 -12.73 6.25
CA ILE A 77 -24.03 -12.57 7.18
C ILE A 77 -24.36 -13.88 7.88
N ASN A 78 -24.13 -15.02 7.22
CA ASN A 78 -24.46 -16.33 7.77
C ASN A 78 -23.28 -17.03 8.43
N GLU A 79 -22.11 -16.42 8.44
CA GLU A 79 -20.90 -17.14 8.83
C GLU A 79 -20.73 -17.15 10.34
N ASP A 80 -19.86 -18.05 10.81
CA ASP A 80 -19.53 -18.12 12.22
C ASP A 80 -18.77 -16.87 12.65
N VAL A 81 -18.92 -16.52 13.93
CA VAL A 81 -18.36 -15.27 14.42
C VAL A 81 -16.85 -15.23 14.23
N SER A 82 -16.17 -16.37 14.39
CA SER A 82 -14.72 -16.37 14.24
CA SER A 82 -14.72 -16.37 14.24
C SER A 82 -14.31 -15.88 12.85
N GLU A 83 -15.02 -16.34 11.81
CA GLU A 83 -14.66 -15.93 10.46
C GLU A 83 -14.98 -14.46 10.22
N LYS A 84 -16.08 -13.97 10.78
CA LYS A 84 -16.42 -12.56 10.64
C LYS A 84 -15.44 -11.67 11.37
N GLU A 85 -15.03 -12.08 12.58
CA GLU A 85 -14.07 -11.31 13.34
C GLU A 85 -12.71 -11.27 12.65
N ALA A 86 -12.27 -12.39 12.06
CA ALA A 86 -11.00 -12.40 11.36
C ALA A 86 -11.01 -11.43 10.19
N TYR A 87 -12.14 -11.34 9.48
CA TYR A 87 -12.22 -10.42 8.36
C TYR A 87 -12.18 -8.97 8.85
N GLU A 88 -12.95 -8.64 9.90
CA GLU A 88 -12.97 -7.26 10.36
C GLU A 88 -11.61 -6.85 10.93
N GLN A 89 -10.91 -7.78 11.61
CA GLN A 89 -9.57 -7.49 12.10
CA GLN A 89 -9.58 -7.46 12.10
C GLN A 89 -8.62 -7.17 10.94
N ALA A 90 -8.68 -7.99 9.89
CA ALA A 90 -7.78 -7.77 8.74
C ALA A 90 -8.11 -6.47 8.02
N ILE A 91 -9.41 -6.17 7.83
CA ILE A 91 -9.78 -4.92 7.17
C ILE A 91 -9.31 -3.73 8.00
N ALA A 92 -9.47 -3.81 9.33
CA ALA A 92 -9.04 -2.71 10.19
C ALA A 92 -7.54 -2.47 10.08
N LYS A 93 -6.75 -3.53 9.98
CA LYS A 93 -5.30 -3.35 9.80
C LYS A 93 -5.02 -2.65 8.49
N GLY A 94 -5.71 -3.02 7.42
CA GLY A 94 -5.53 -2.32 6.17
C GLY A 94 -5.91 -0.85 6.25
N GLN A 95 -7.02 -0.55 6.93
CA GLN A 95 -7.44 0.84 7.09
C GLN A 95 -6.41 1.64 7.87
N GLU A 96 -5.80 1.02 8.89
CA GLU A 96 -4.76 1.69 9.66
C GLU A 96 -3.61 2.13 8.76
N ILE A 97 -3.21 1.27 7.83
CA ILE A 97 -2.12 1.63 6.91
C ILE A 97 -2.54 2.79 6.01
N ILE A 98 -3.71 2.66 5.37
CA ILE A 98 -4.14 3.66 4.39
C ILE A 98 -4.31 5.02 5.06
N ASN A 99 -4.90 5.04 6.24
CA ASN A 99 -5.22 6.30 6.91
C ASN A 99 -4.08 6.83 7.77
N SER A 100 -2.96 6.14 7.83
CA SER A 100 -1.85 6.57 8.68
C SER A 100 -1.29 7.90 8.19
N GLU A 101 -1.06 8.82 9.15
CA GLU A 101 -0.38 10.07 8.89
C GLU A 101 1.07 10.07 9.34
N ASN A 102 1.37 9.36 10.42
CA ASN A 102 2.71 9.35 11.01
C ASN A 102 3.55 8.27 10.32
N ASN A 103 4.53 8.71 9.53
CA ASN A 103 5.53 7.84 8.92
C ASN A 103 4.91 6.52 8.47
N PRO A 104 4.09 6.52 7.43
CA PRO A 104 3.46 5.27 6.98
C PRO A 104 4.52 4.33 6.44
N THR A 105 4.33 3.04 6.71
CA THR A 105 5.29 2.05 6.24
C THR A 105 5.46 2.17 4.73
N ILE A 106 6.71 2.11 4.28
CA ILE A 106 7.02 1.96 2.87
C ILE A 106 7.60 0.57 2.59
N SER A 107 7.32 -0.39 3.47
CA SER A 107 7.77 -1.76 3.32
C SER A 107 6.71 -2.54 2.55
N SER A 108 7.06 -2.96 1.32
CA SER A 108 6.13 -3.71 0.51
C SER A 108 5.78 -5.05 1.14
N THR A 109 6.71 -5.64 1.90
CA THR A 109 6.42 -6.92 2.54
C THR A 109 5.36 -6.77 3.63
N ASP A 110 5.43 -5.68 4.40
CA ASP A 110 4.39 -5.41 5.40
C ASP A 110 3.04 -5.23 4.73
N ILE A 111 3.01 -4.49 3.62
CA ILE A 111 1.77 -4.30 2.87
C ILE A 111 1.27 -5.63 2.33
N ASN A 112 2.17 -6.42 1.74
CA ASN A 112 1.75 -7.67 1.16
C ASN A 112 1.18 -8.60 2.23
N ARG A 113 1.78 -8.59 3.42
CA ARG A 113 1.25 -9.42 4.50
C ARG A 113 -0.17 -9.00 4.86
N THR A 114 -0.41 -7.70 4.94
CA THR A 114 -1.76 -7.23 5.26
C THR A 114 -2.75 -7.61 4.16
N ILE A 115 -2.35 -7.45 2.89
CA ILE A 115 -3.21 -7.87 1.79
C ILE A 115 -3.55 -9.35 1.92
N GLN A 116 -2.54 -10.17 2.22
CA GLN A 116 -2.76 -11.60 2.29
C GLN A 116 -3.69 -11.97 3.45
N GLU A 117 -3.58 -11.25 4.58
CA GLU A 117 -4.48 -11.49 5.70
C GLU A 117 -5.92 -11.18 5.32
N ILE A 118 -6.13 -10.06 4.62
CA ILE A 118 -7.48 -9.73 4.16
C ILE A 118 -7.98 -10.78 3.17
N ASN A 119 -7.15 -11.15 2.20
CA ASN A 119 -7.57 -12.10 1.19
C ASN A 119 -7.86 -13.47 1.80
N ASP A 120 -7.03 -13.91 2.75
CA ASP A 120 -7.30 -15.19 3.42
C ASP A 120 -8.63 -15.14 4.15
N ALA A 121 -8.88 -14.05 4.88
CA ALA A 121 -10.14 -13.95 5.62
C ALA A 121 -11.32 -13.85 4.66
N GLU A 122 -11.16 -13.11 3.56
CA GLU A 122 -12.25 -13.00 2.61
C GLU A 122 -12.58 -14.36 2.01
N GLN A 123 -11.55 -15.17 1.70
CA GLN A 123 -11.76 -16.47 1.09
C GLN A 123 -12.64 -17.35 1.98
N ASN A 124 -12.45 -17.28 3.29
CA ASN A 124 -13.23 -18.11 4.19
C ASN A 124 -14.68 -17.66 4.29
N LEU A 125 -15.02 -16.52 3.68
CA LEU A 125 -16.40 -16.04 3.66
C LEU A 125 -17.13 -16.42 2.38
N HIS A 126 -16.41 -16.87 1.36
CA HIS A 126 -17.06 -17.26 0.11
C HIS A 126 -17.47 -18.72 0.18
#